data_3LQD
#
_entry.id   3LQD
#
_cell.length_a   118.457
_cell.length_b   54.954
_cell.length_c   91.380
_cell.angle_alpha   90.00
_cell.angle_beta   97.70
_cell.angle_gamma   90.00
#
_symmetry.space_group_name_H-M   'C 1 2 1'
#
loop_
_entity.id
_entity.type
_entity.pdbx_description
1 polymer 'Hemoglobin subunit alpha'
2 polymer 'Hemoglobin subunit beta'
3 non-polymer 'PROTOPORPHYRIN IX CONTAINING FE'
4 non-polymer 'OXYGEN MOLECULE'
#
loop_
_entity_poly.entity_id
_entity_poly.type
_entity_poly.pdbx_seq_one_letter_code
_entity_poly.pdbx_strand_id
1 'polypeptide(L)'
;VLSPADKTNIKTAWEKIGSHGGEYGAEAVERMFLGFPTTKTYFPHFDFTHGSEQIKAHGKKVSEALTKAVGHLDDLPGAL
SALSDLHAHKLRVDPVNFKLLSHCLLVTLANHHPSEFTPAVHASLDKFLANVSTVLTSKYR
;
A,C
2 'polypeptide(L)'
;VHLSGEEKSAVTALWGKVNVEEVGGETLGRLLVVYPWTQRFFESFGDLSTASAVMGNPKVKAHGKKVLAAFSEGLSHLDN
LKGTFAKLSELHCDKLHVDPENFRLLGNVLVIVLSHHFGKEFTPQVQAAYQKVVAGVANALAHKYH
;
B,D
#
# COMPACT_ATOMS: atom_id res chain seq x y z
N VAL A 1 10.06 10.29 -3.53
CA VAL A 1 11.11 11.08 -4.25
C VAL A 1 12.41 11.19 -3.43
N LEU A 2 13.52 10.90 -4.09
CA LEU A 2 14.81 10.89 -3.42
C LEU A 2 15.40 12.28 -3.22
N SER A 3 15.58 12.65 -1.94
CA SER A 3 16.26 13.89 -1.52
C SER A 3 17.77 13.88 -1.80
N PRO A 4 18.36 15.08 -1.98
CA PRO A 4 19.80 15.05 -2.24
C PRO A 4 20.46 14.30 -1.08
N ALA A 5 20.03 14.59 0.15
CA ALA A 5 20.47 13.88 1.35
C ALA A 5 20.40 12.34 1.24
N ASP A 6 19.32 11.87 0.62
CA ASP A 6 19.09 10.42 0.43
C ASP A 6 20.16 9.74 -0.44
N LYS A 7 20.33 10.27 -1.65
CA LYS A 7 21.43 9.91 -2.56
C LYS A 7 22.82 9.82 -1.88
N THR A 8 23.17 10.82 -1.08
CA THR A 8 24.40 10.76 -0.30
C THR A 8 24.40 9.58 0.68
N ASN A 9 23.36 9.46 1.49
CA ASN A 9 23.23 8.37 2.43
C ASN A 9 23.35 7.01 1.75
N ILE A 10 22.63 6.84 0.64
CA ILE A 10 22.64 5.57 -0.12
C ILE A 10 24.06 5.14 -0.58
N LYS A 11 24.74 6.01 -1.33
CA LYS A 11 26.04 5.70 -1.91
C LYS A 11 27.00 5.25 -0.82
N THR A 12 26.98 5.97 0.32
CA THR A 12 27.84 5.71 1.49
C THR A 12 27.64 4.32 2.09
N ALA A 13 26.40 3.85 2.05
CA ALA A 13 26.08 2.56 2.60
C ALA A 13 26.58 1.45 1.70
N TRP A 14 26.56 1.72 0.39
CA TRP A 14 26.95 0.76 -0.64
C TRP A 14 28.47 0.77 -0.86
N GLU A 15 29.08 1.95 -0.74
CA GLU A 15 30.52 2.00 -0.50
C GLU A 15 30.86 0.99 0.61
N LYS A 16 30.02 0.90 1.66
CA LYS A 16 30.33 0.05 2.81
C LYS A 16 29.85 -1.37 2.64
N ILE A 17 28.94 -1.57 1.70
CA ILE A 17 28.60 -2.92 1.32
C ILE A 17 29.86 -3.60 0.80
N GLY A 18 30.47 -3.02 -0.24
CA GLY A 18 31.71 -3.56 -0.81
C GLY A 18 31.45 -4.83 -1.60
N SER A 19 32.40 -5.77 -1.54
CA SER A 19 32.27 -7.06 -2.24
C SER A 19 31.44 -8.06 -1.42
N HIS A 20 30.80 -7.57 -0.36
CA HIS A 20 29.90 -8.41 0.45
C HIS A 20 28.48 -8.49 -0.18
N GLY A 21 28.30 -7.96 -1.39
CA GLY A 21 27.00 -7.96 -2.08
C GLY A 21 26.18 -9.25 -2.03
N GLY A 22 26.49 -10.18 -2.92
CA GLY A 22 25.69 -11.38 -3.17
C GLY A 22 25.23 -12.26 -2.02
N GLU A 23 25.99 -12.28 -0.92
CA GLU A 23 25.63 -13.05 0.31
C GLU A 23 24.39 -12.47 1.03
N TYR A 24 24.35 -11.14 1.17
CA TYR A 24 23.19 -10.41 1.69
C TYR A 24 21.97 -10.60 0.79
N GLY A 25 22.19 -10.58 -0.52
CA GLY A 25 21.13 -10.79 -1.49
C GLY A 25 20.61 -12.20 -1.36
N ALA A 26 21.50 -13.13 -1.11
CA ALA A 26 21.08 -14.50 -0.90
C ALA A 26 20.35 -14.60 0.43
N GLU A 27 21.01 -14.25 1.55
CA GLU A 27 20.36 -14.23 2.86
C GLU A 27 18.95 -13.64 2.74
N ALA A 28 18.86 -12.53 2.02
CA ALA A 28 17.61 -11.81 1.86
C ALA A 28 16.59 -12.71 1.18
N VAL A 29 16.97 -13.18 0.02
CA VAL A 29 16.13 -14.11 -0.71
C VAL A 29 15.72 -15.25 0.23
N GLU A 30 16.61 -15.68 1.12
CA GLU A 30 16.26 -16.71 2.09
C GLU A 30 15.25 -16.22 3.14
N ARG A 31 15.51 -15.07 3.74
CA ARG A 31 14.55 -14.49 4.70
C ARG A 31 13.11 -14.38 4.13
N MET A 32 12.97 -14.12 2.84
CA MET A 32 11.66 -13.87 2.26
C MET A 32 10.97 -15.17 1.96
N PHE A 33 11.74 -16.21 1.68
CA PHE A 33 11.17 -17.52 1.38
C PHE A 33 10.58 -18.21 2.61
N LEU A 34 11.24 -18.10 3.75
CA LEU A 34 10.84 -18.76 4.97
C LEU A 34 9.86 -17.89 5.69
N GLY A 35 10.13 -16.58 5.67
CA GLY A 35 9.25 -15.57 6.25
C GLY A 35 7.92 -15.37 5.52
N PHE A 36 7.91 -15.53 4.19
CA PHE A 36 6.67 -15.31 3.47
C PHE A 36 6.44 -16.39 2.45
N PRO A 37 5.95 -17.56 2.93
CA PRO A 37 5.97 -18.76 2.09
C PRO A 37 5.31 -18.58 0.69
N THR A 38 4.41 -17.61 0.54
CA THR A 38 3.72 -17.48 -0.74
C THR A 38 4.68 -17.00 -1.82
N THR A 39 5.72 -16.28 -1.45
CA THR A 39 6.68 -15.79 -2.44
C THR A 39 7.54 -16.89 -3.09
N LYS A 40 7.40 -18.12 -2.60
CA LYS A 40 8.09 -19.26 -3.21
C LYS A 40 7.39 -19.76 -4.47
N THR A 41 6.06 -19.59 -4.52
CA THR A 41 5.26 -19.84 -5.74
C THR A 41 5.83 -19.08 -6.94
N TYR A 42 6.60 -18.02 -6.67
CA TYR A 42 7.29 -17.31 -7.76
C TYR A 42 8.50 -18.05 -8.26
N PHE A 43 8.93 -19.07 -7.50
CA PHE A 43 10.09 -19.90 -7.85
C PHE A 43 9.79 -21.42 -7.82
N PRO A 44 9.09 -21.93 -8.84
CA PRO A 44 8.75 -23.35 -8.86
C PRO A 44 9.90 -24.27 -9.36
N HIS A 45 10.95 -23.65 -9.88
CA HIS A 45 12.02 -24.35 -10.55
C HIS A 45 13.33 -24.21 -9.82
N PHE A 46 13.29 -23.56 -8.66
CA PHE A 46 14.48 -23.28 -7.86
C PHE A 46 14.60 -24.32 -6.79
N ASP A 47 15.85 -24.60 -6.43
CA ASP A 47 16.10 -25.31 -5.20
C ASP A 47 16.08 -24.31 -4.04
N PHE A 48 15.51 -24.78 -2.92
CA PHE A 48 15.20 -23.95 -1.75
C PHE A 48 15.90 -24.29 -0.43
N THR A 49 16.49 -25.49 -0.30
CA THR A 49 17.24 -25.90 0.92
C THR A 49 18.30 -24.85 1.28
N HIS A 50 18.63 -24.72 2.57
CA HIS A 50 19.61 -23.68 2.98
C HIS A 50 20.86 -23.54 2.09
N GLY A 51 21.41 -24.65 1.59
CA GLY A 51 22.57 -24.60 0.70
C GLY A 51 22.28 -23.78 -0.55
N SER A 52 21.74 -24.46 -1.57
CA SER A 52 21.11 -23.82 -2.70
C SER A 52 22.01 -22.88 -3.45
N GLU A 53 22.93 -23.44 -4.21
CA GLU A 53 23.76 -22.63 -5.07
C GLU A 53 22.88 -21.70 -5.90
N GLN A 54 21.74 -22.23 -6.37
CA GLN A 54 20.74 -21.51 -7.18
C GLN A 54 20.26 -20.25 -6.48
N ILE A 55 20.02 -20.35 -5.17
CA ILE A 55 19.74 -19.18 -4.34
C ILE A 55 20.90 -18.19 -4.42
N LYS A 56 22.13 -18.69 -4.25
CA LYS A 56 23.34 -17.84 -4.14
C LYS A 56 23.65 -17.15 -5.44
N ALA A 57 23.30 -17.83 -6.53
CA ALA A 57 23.59 -17.34 -7.86
C ALA A 57 22.59 -16.23 -8.14
N HIS A 58 21.41 -16.37 -7.55
CA HIS A 58 20.34 -15.42 -7.70
C HIS A 58 20.54 -14.28 -6.70
N GLY A 59 21.03 -14.60 -5.51
CA GLY A 59 21.39 -13.57 -4.55
C GLY A 59 22.45 -12.63 -5.07
N LYS A 60 23.47 -13.18 -5.72
CA LYS A 60 24.59 -12.42 -6.27
C LYS A 60 24.05 -11.49 -7.36
N LYS A 61 23.22 -12.06 -8.23
CA LYS A 61 22.50 -11.36 -9.30
C LYS A 61 21.62 -10.19 -8.81
N VAL A 62 20.73 -10.48 -7.87
CA VAL A 62 19.86 -9.45 -7.26
C VAL A 62 20.73 -8.33 -6.68
N SER A 63 21.76 -8.68 -5.91
CA SER A 63 22.70 -7.70 -5.38
C SER A 63 23.29 -6.72 -6.38
N GLU A 64 23.81 -7.23 -7.50
CA GLU A 64 24.43 -6.36 -8.48
C GLU A 64 23.40 -5.57 -9.25
N ALA A 65 22.22 -6.17 -9.44
CA ALA A 65 21.05 -5.45 -9.92
C ALA A 65 20.88 -4.22 -9.03
N LEU A 66 20.87 -4.44 -7.72
CA LEU A 66 20.90 -3.34 -6.76
C LEU A 66 22.03 -2.36 -7.03
N THR A 67 23.29 -2.83 -6.93
CA THR A 67 24.52 -2.04 -7.14
C THR A 67 24.44 -1.12 -8.37
N LYS A 68 23.95 -1.68 -9.47
CA LYS A 68 23.65 -0.93 -10.69
C LYS A 68 22.70 0.27 -10.49
N ALA A 69 21.58 0.05 -9.80
CA ALA A 69 20.63 1.14 -9.56
C ALA A 69 21.24 2.25 -8.70
N VAL A 70 22.25 1.89 -7.91
CA VAL A 70 22.92 2.84 -7.03
C VAL A 70 23.73 3.87 -7.82
N GLY A 71 24.40 3.39 -8.86
CA GLY A 71 25.20 4.23 -9.75
C GLY A 71 24.33 5.03 -10.70
N HIS A 72 23.02 4.90 -10.57
CA HIS A 72 22.11 5.55 -11.49
C HIS A 72 20.89 6.02 -10.74
N LEU A 73 21.17 6.62 -9.59
CA LEU A 73 20.17 7.17 -8.72
C LEU A 73 19.37 8.34 -9.30
N ASP A 74 19.73 8.73 -10.51
CA ASP A 74 19.14 9.93 -11.12
C ASP A 74 18.28 9.62 -12.34
N ASP A 75 18.38 8.38 -12.80
CA ASP A 75 17.46 7.82 -13.79
C ASP A 75 17.50 6.31 -13.75
N LEU A 76 16.54 5.73 -13.01
CA LEU A 76 16.46 4.29 -12.78
C LEU A 76 15.58 3.67 -13.83
N PRO A 77 14.58 4.42 -14.31
CA PRO A 77 13.69 3.85 -15.32
C PRO A 77 14.46 3.42 -16.54
N GLY A 78 15.29 4.31 -17.08
CA GLY A 78 16.14 3.94 -18.20
C GLY A 78 17.18 2.89 -17.82
N ALA A 79 17.71 3.04 -16.61
CA ALA A 79 18.70 2.15 -16.08
C ALA A 79 18.26 0.68 -15.92
N LEU A 80 17.05 0.44 -15.38
CA LEU A 80 16.59 -0.97 -15.13
C LEU A 80 15.41 -1.45 -16.01
N SER A 81 15.31 -0.90 -17.22
CA SER A 81 14.23 -1.21 -18.17
C SER A 81 14.20 -2.67 -18.38
N ALA A 82 15.38 -3.28 -18.43
CA ALA A 82 15.54 -4.72 -18.60
C ALA A 82 14.87 -5.53 -17.52
N LEU A 83 15.05 -5.16 -16.25
CA LEU A 83 14.44 -5.90 -15.14
C LEU A 83 12.93 -5.62 -15.06
N SER A 84 12.53 -4.40 -15.44
CA SER A 84 11.13 -4.07 -15.66
C SER A 84 10.49 -5.04 -16.67
N ASP A 85 11.20 -5.36 -17.76
CA ASP A 85 10.66 -6.26 -18.80
C ASP A 85 10.38 -7.61 -18.16
N LEU A 86 11.22 -7.99 -17.20
CA LEU A 86 11.11 -9.27 -16.55
C LEU A 86 10.01 -9.26 -15.51
N HIS A 87 10.14 -8.35 -14.55
CA HIS A 87 9.22 -8.30 -13.44
C HIS A 87 7.83 -7.74 -13.78
N ALA A 88 7.78 -6.59 -14.49
CA ALA A 88 6.50 -5.94 -14.83
C ALA A 88 5.76 -6.62 -15.99
N HIS A 89 6.48 -6.87 -17.08
CA HIS A 89 5.85 -7.31 -18.34
C HIS A 89 5.70 -8.82 -18.43
N LYS A 90 6.79 -9.54 -18.19
CA LYS A 90 6.77 -11.01 -18.21
C LYS A 90 6.16 -11.68 -16.92
N LEU A 91 6.77 -11.46 -15.74
CA LEU A 91 6.34 -12.14 -14.51
C LEU A 91 5.12 -11.51 -13.84
N ARG A 92 4.88 -10.21 -14.06
CA ARG A 92 3.70 -9.53 -13.52
C ARG A 92 3.62 -9.85 -12.02
N VAL A 93 4.67 -9.47 -11.31
CA VAL A 93 4.77 -9.68 -9.89
C VAL A 93 3.98 -8.57 -9.21
N ASP A 94 3.22 -9.01 -8.22
CA ASP A 94 2.39 -8.21 -7.40
C ASP A 94 3.37 -7.42 -6.55
N PRO A 95 3.37 -6.09 -6.69
CA PRO A 95 4.21 -5.13 -5.97
C PRO A 95 4.40 -5.40 -4.48
N VAL A 96 3.51 -6.17 -3.86
CA VAL A 96 3.54 -6.35 -2.43
C VAL A 96 4.78 -7.14 -2.10
N ASN A 97 5.20 -7.92 -3.10
CA ASN A 97 6.28 -8.88 -2.95
C ASN A 97 7.58 -8.14 -2.97
N PHE A 98 7.55 -6.93 -3.51
CA PHE A 98 8.72 -6.09 -3.47
C PHE A 98 8.90 -5.48 -2.12
N LYS A 99 7.80 -5.01 -1.55
CA LYS A 99 7.77 -4.58 -0.15
C LYS A 99 8.31 -5.68 0.79
N LEU A 100 8.12 -6.96 0.43
CA LEU A 100 8.56 -8.04 1.31
C LEU A 100 10.04 -8.25 1.19
N LEU A 101 10.50 -8.46 -0.04
CA LEU A 101 11.93 -8.59 -0.25
C LEU A 101 12.63 -7.34 0.23
N SER A 102 12.06 -6.17 -0.09
CA SER A 102 12.63 -4.89 0.35
C SER A 102 12.89 -4.92 1.83
N HIS A 103 11.86 -5.24 2.57
CA HIS A 103 11.96 -5.24 4.02
C HIS A 103 13.02 -6.25 4.46
N CYS A 104 12.95 -7.48 3.91
CA CYS A 104 13.96 -8.52 4.19
C CYS A 104 15.41 -8.14 3.83
N LEU A 105 15.59 -7.24 2.85
CA LEU A 105 16.93 -6.75 2.49
C LEU A 105 17.46 -5.90 3.62
N LEU A 106 16.57 -5.09 4.19
CA LEU A 106 16.89 -4.26 5.35
C LEU A 106 17.09 -5.08 6.59
N VAL A 107 16.31 -6.15 6.75
CA VAL A 107 16.50 -7.09 7.87
C VAL A 107 17.96 -7.59 7.88
N THR A 108 18.47 -7.95 6.72
CA THR A 108 19.85 -8.35 6.53
C THR A 108 20.93 -7.26 6.68
N LEU A 109 20.73 -6.14 5.98
CA LEU A 109 21.75 -5.09 6.02
C LEU A 109 21.92 -4.65 7.45
N ALA A 110 20.79 -4.58 8.17
CA ALA A 110 20.81 -4.23 9.59
C ALA A 110 21.57 -5.25 10.43
N ASN A 111 21.59 -6.49 9.95
CA ASN A 111 22.07 -7.62 10.74
C ASN A 111 23.57 -7.71 10.70
N HIS A 112 24.14 -7.49 9.50
CA HIS A 112 25.61 -7.56 9.20
C HIS A 112 26.36 -6.24 9.19
N HIS A 113 25.63 -5.13 9.16
CA HIS A 113 26.22 -3.81 9.20
C HIS A 113 25.56 -2.95 10.28
N PRO A 114 25.50 -3.43 11.54
CA PRO A 114 24.86 -2.66 12.58
C PRO A 114 25.32 -1.18 12.60
N SER A 115 26.63 -0.92 12.58
CA SER A 115 27.13 0.46 12.76
C SER A 115 26.72 1.39 11.61
N GLU A 116 26.73 0.82 10.41
CA GLU A 116 26.33 1.51 9.19
C GLU A 116 24.84 1.79 9.11
N PHE A 117 24.04 0.89 9.71
CA PHE A 117 22.54 0.93 9.65
C PHE A 117 21.85 1.92 10.66
N THR A 118 22.18 3.19 10.56
CA THR A 118 21.63 4.20 11.47
C THR A 118 20.18 4.49 11.07
N PRO A 119 19.42 5.15 11.98
CA PRO A 119 18.06 5.59 11.72
C PRO A 119 17.90 6.40 10.40
N ALA A 120 18.91 7.22 10.08
CA ALA A 120 18.92 8.14 8.94
C ALA A 120 19.19 7.47 7.60
N VAL A 121 20.05 6.47 7.68
CA VAL A 121 20.47 5.71 6.51
C VAL A 121 19.36 4.72 6.13
N HIS A 122 18.61 4.28 7.14
CA HIS A 122 17.48 3.34 6.99
C HIS A 122 16.35 4.01 6.16
N ALA A 123 16.07 5.28 6.41
CA ALA A 123 15.08 6.05 5.66
C ALA A 123 15.45 6.09 4.20
N SER A 124 16.69 6.52 3.96
CA SER A 124 17.20 6.63 2.61
C SER A 124 17.21 5.28 1.94
N LEU A 125 17.75 4.25 2.60
CA LEU A 125 17.72 2.90 2.01
C LEU A 125 16.30 2.37 1.79
N ASP A 126 15.38 2.59 2.73
CA ASP A 126 13.98 2.22 2.50
C ASP A 126 13.33 2.92 1.31
N LYS A 127 13.62 4.21 1.10
CA LYS A 127 12.98 4.92 -0.02
C LYS A 127 13.60 4.47 -1.34
N PHE A 128 14.90 4.17 -1.25
CA PHE A 128 15.67 3.65 -2.38
C PHE A 128 15.05 2.33 -2.87
N LEU A 129 14.96 1.31 -2.00
CA LEU A 129 14.30 0.06 -2.37
C LEU A 129 12.90 0.28 -2.93
N ALA A 130 12.15 1.19 -2.32
CA ALA A 130 10.83 1.56 -2.78
C ALA A 130 10.83 2.08 -4.23
N ASN A 131 11.82 2.92 -4.57
CA ASN A 131 11.96 3.39 -5.95
C ASN A 131 12.44 2.33 -6.91
N VAL A 132 13.26 1.42 -6.42
CA VAL A 132 13.64 0.26 -7.22
C VAL A 132 12.41 -0.62 -7.53
N SER A 133 11.58 -0.87 -6.52
CA SER A 133 10.31 -1.56 -6.75
C SER A 133 9.35 -0.91 -7.76
N THR A 134 9.19 0.42 -7.69
CA THR A 134 8.25 1.11 -8.58
C THR A 134 8.64 0.90 -10.04
N VAL A 135 9.94 1.06 -10.31
CA VAL A 135 10.46 0.89 -11.67
C VAL A 135 10.21 -0.55 -12.13
N LEU A 136 10.73 -1.51 -11.37
CA LEU A 136 10.56 -2.91 -11.70
C LEU A 136 9.08 -3.33 -11.93
N THR A 137 8.14 -2.70 -11.21
CA THR A 137 6.69 -3.07 -11.26
C THR A 137 5.84 -2.12 -12.16
N SER A 138 6.40 -0.99 -12.58
CA SER A 138 5.69 -0.18 -13.53
C SER A 138 6.03 -0.69 -14.91
N LYS A 139 5.07 -0.55 -15.82
CA LYS A 139 5.25 -0.76 -17.25
C LYS A 139 5.28 0.62 -17.95
N TYR A 140 6.39 0.94 -18.61
CA TYR A 140 6.58 2.27 -19.24
C TYR A 140 7.11 2.25 -20.67
N ARG A 141 7.45 1.06 -21.19
CA ARG A 141 8.05 0.88 -22.52
C ARG A 141 6.95 0.88 -23.56
N VAL B 1 -1.70 -16.05 17.23
CA VAL B 1 -1.45 -16.75 15.93
C VAL B 1 -1.24 -18.25 16.19
N HIS B 2 -0.63 -18.99 15.25
CA HIS B 2 -0.23 -20.38 15.49
C HIS B 2 1.25 -20.66 15.16
N LEU B 3 2.09 -20.62 16.20
CA LEU B 3 3.49 -21.09 16.09
C LEU B 3 3.57 -22.54 16.48
N SER B 4 4.55 -23.25 15.93
CA SER B 4 4.89 -24.60 16.40
C SER B 4 5.55 -24.55 17.79
N GLY B 5 6.08 -25.70 18.25
CA GLY B 5 6.90 -25.76 19.48
C GLY B 5 8.29 -25.19 19.26
N GLU B 6 8.94 -25.63 18.18
CA GLU B 6 10.31 -25.23 17.82
C GLU B 6 10.39 -23.70 17.69
N GLU B 7 9.35 -23.11 17.10
CA GLU B 7 9.21 -21.65 16.93
C GLU B 7 8.95 -20.90 18.24
N LYS B 8 8.02 -21.43 19.04
CA LYS B 8 7.72 -20.96 20.39
C LYS B 8 8.96 -20.90 21.31
N SER B 9 9.84 -21.92 21.22
CA SER B 9 11.13 -21.91 21.94
C SER B 9 11.92 -20.69 21.52
N ALA B 10 12.22 -20.66 20.21
CA ALA B 10 13.00 -19.60 19.59
C ALA B 10 12.46 -18.22 19.84
N VAL B 11 11.15 -18.05 19.91
CA VAL B 11 10.61 -16.71 20.10
C VAL B 11 10.83 -16.26 21.55
N THR B 12 10.22 -16.95 22.48
CA THR B 12 10.43 -16.71 23.90
C THR B 12 11.91 -16.43 24.23
N ALA B 13 12.81 -17.36 23.84
CA ALA B 13 14.26 -17.32 24.20
C ALA B 13 14.99 -16.02 23.80
N LEU B 14 14.90 -15.65 22.52
CA LEU B 14 15.33 -14.34 22.00
C LEU B 14 14.68 -13.11 22.68
N TRP B 15 13.36 -13.17 22.90
CA TRP B 15 12.66 -12.05 23.53
C TRP B 15 13.12 -11.75 24.96
N GLY B 16 13.73 -12.73 25.62
CA GLY B 16 14.16 -12.60 27.02
C GLY B 16 15.49 -11.88 27.10
N LYS B 17 16.23 -11.90 26.00
CA LYS B 17 17.45 -11.15 25.87
C LYS B 17 17.23 -9.68 25.50
N VAL B 18 16.04 -9.34 24.98
CA VAL B 18 15.71 -7.96 24.63
C VAL B 18 15.92 -6.94 25.75
N ASN B 19 16.52 -5.82 25.39
CA ASN B 19 16.62 -4.69 26.31
C ASN B 19 15.30 -3.84 26.36
N VAL B 20 14.39 -4.28 27.24
CA VAL B 20 13.04 -3.70 27.36
C VAL B 20 13.03 -2.15 27.58
N GLU B 21 14.19 -1.60 27.93
CA GLU B 21 14.39 -0.18 28.22
C GLU B 21 14.77 0.60 26.96
N GLU B 22 15.15 -0.10 25.89
CA GLU B 22 15.79 0.54 24.74
C GLU B 22 15.13 0.26 23.39
N VAL B 23 14.42 -0.87 23.29
CA VAL B 23 14.01 -1.47 22.00
C VAL B 23 12.71 -0.91 21.44
N GLY B 24 11.73 -0.68 22.29
CA GLY B 24 10.49 -0.05 21.88
C GLY B 24 10.72 1.34 21.34
N GLY B 25 11.63 2.09 21.96
CA GLY B 25 11.82 3.51 21.61
C GLY B 25 12.67 3.64 20.37
N GLU B 26 13.53 2.62 20.17
CA GLU B 26 14.36 2.49 18.99
C GLU B 26 13.47 2.42 17.75
N THR B 27 12.48 1.56 17.89
CA THR B 27 11.48 1.25 16.92
C THR B 27 10.66 2.45 16.51
N LEU B 28 9.94 3.02 17.48
CA LEU B 28 8.99 4.08 17.22
C LEU B 28 9.75 5.20 16.57
N GLY B 29 11.00 5.33 16.98
CA GLY B 29 11.93 6.28 16.41
C GLY B 29 12.25 5.96 14.97
N ARG B 30 12.58 4.71 14.68
CA ARG B 30 12.89 4.42 13.32
C ARG B 30 11.60 4.45 12.54
N LEU B 31 10.51 3.96 13.14
CA LEU B 31 9.17 4.16 12.54
C LEU B 31 8.93 5.65 12.19
N LEU B 32 9.11 6.52 13.17
CA LEU B 32 8.86 7.97 13.02
C LEU B 32 9.76 8.58 11.98
N VAL B 33 11.03 8.18 11.98
CA VAL B 33 11.95 8.72 10.99
C VAL B 33 11.71 8.22 9.57
N VAL B 34 11.74 6.89 9.39
CA VAL B 34 11.57 6.28 8.09
C VAL B 34 10.22 6.62 7.40
N TYR B 35 9.20 6.96 8.19
CA TYR B 35 7.85 7.24 7.66
C TYR B 35 7.26 8.50 8.31
N PRO B 36 7.55 9.67 7.71
CA PRO B 36 7.37 10.91 8.44
C PRO B 36 5.94 11.26 8.73
N TRP B 37 5.01 10.87 7.88
CA TRP B 37 3.63 11.23 8.17
C TRP B 37 3.26 10.69 9.55
N THR B 38 3.99 9.70 10.03
CA THR B 38 3.66 9.11 11.33
C THR B 38 3.98 10.10 12.45
N GLN B 39 4.58 11.23 12.10
CA GLN B 39 4.90 12.25 13.07
C GLN B 39 3.67 13.09 13.42
N ARG B 40 2.69 13.14 12.51
CA ARG B 40 1.47 13.87 12.76
C ARG B 40 0.76 13.46 14.05
N PHE B 41 0.78 12.16 14.33
CA PHE B 41 0.10 11.62 15.49
C PHE B 41 0.91 11.88 16.76
N PHE B 42 2.17 12.29 16.61
CA PHE B 42 3.06 12.57 17.75
C PHE B 42 3.56 14.05 17.88
N GLU B 43 2.80 14.99 17.32
CA GLU B 43 3.13 16.43 17.40
C GLU B 43 3.44 16.95 18.81
N SER B 44 2.80 16.38 19.84
CA SER B 44 2.94 16.89 21.21
C SER B 44 4.37 16.76 21.65
N PHE B 45 5.03 15.71 21.19
CA PHE B 45 6.33 15.32 21.69
C PHE B 45 7.47 16.32 21.35
N GLY B 46 7.17 17.38 20.61
CA GLY B 46 8.18 18.41 20.35
C GLY B 46 8.78 18.40 18.96
N ASP B 47 9.94 19.01 18.80
CA ASP B 47 10.61 19.01 17.51
C ASP B 47 10.87 17.58 17.02
N LEU B 48 10.14 17.16 15.99
CA LEU B 48 10.34 15.82 15.42
C LEU B 48 10.77 15.88 13.96
N SER B 49 11.42 16.99 13.63
CA SER B 49 11.84 17.31 12.27
C SER B 49 13.08 16.55 11.81
N THR B 50 13.81 15.91 12.71
CA THR B 50 14.95 15.10 12.25
C THR B 50 15.22 13.84 13.03
N ALA B 51 15.92 12.94 12.34
CA ALA B 51 16.39 11.68 12.93
C ALA B 51 16.99 11.87 14.33
N SER B 52 18.00 12.72 14.45
CA SER B 52 18.57 13.03 15.77
C SER B 52 17.47 13.37 16.76
N ALA B 53 16.81 14.50 16.49
CA ALA B 53 15.73 15.01 17.29
C ALA B 53 14.70 13.92 17.59
N VAL B 54 14.34 13.14 16.56
CA VAL B 54 13.47 11.98 16.77
C VAL B 54 14.08 10.91 17.73
N MET B 55 15.40 10.73 17.70
CA MET B 55 16.09 9.65 18.47
C MET B 55 16.42 10.07 19.91
N GLY B 56 16.59 11.36 20.12
CA GLY B 56 16.91 11.90 21.43
C GLY B 56 15.66 12.30 22.18
N ASN B 57 14.49 12.17 21.54
CA ASN B 57 13.25 12.58 22.16
C ASN B 57 12.85 11.63 23.27
N PRO B 58 12.88 12.11 24.54
CA PRO B 58 12.54 11.31 25.71
C PRO B 58 11.11 10.75 25.68
N LYS B 59 10.19 11.50 25.06
CA LYS B 59 8.80 11.11 24.88
C LYS B 59 8.65 9.96 23.91
N VAL B 60 9.62 9.84 23.01
CA VAL B 60 9.67 8.72 22.10
C VAL B 60 10.21 7.47 22.84
N LYS B 61 11.32 7.63 23.59
CA LYS B 61 11.90 6.57 24.42
C LYS B 61 10.84 6.07 25.38
N ALA B 62 10.24 7.02 26.10
CA ALA B 62 9.25 6.74 27.14
C ALA B 62 8.05 6.04 26.55
N HIS B 63 7.64 6.47 25.36
CA HIS B 63 6.56 5.80 24.66
C HIS B 63 6.89 4.36 24.24
N GLY B 64 8.09 4.15 23.70
CA GLY B 64 8.54 2.84 23.19
C GLY B 64 8.40 1.72 24.23
N LYS B 65 8.97 1.94 25.43
CA LYS B 65 8.79 1.07 26.59
C LYS B 65 7.36 0.53 26.66
N LYS B 66 6.39 1.41 26.44
CA LYS B 66 4.98 1.04 26.45
C LYS B 66 4.60 0.29 25.17
N VAL B 67 5.20 0.67 24.04
CA VAL B 67 4.88 -0.02 22.79
C VAL B 67 5.35 -1.46 22.94
N LEU B 68 6.61 -1.62 23.34
CA LEU B 68 7.20 -2.92 23.53
C LEU B 68 6.46 -3.78 24.57
N ALA B 69 5.87 -3.15 25.60
CA ALA B 69 5.07 -3.83 26.63
C ALA B 69 3.77 -4.40 26.07
N ALA B 70 3.05 -3.60 25.28
CA ALA B 70 1.90 -4.07 24.50
C ALA B 70 2.29 -5.28 23.64
N PHE B 71 3.49 -5.28 23.09
CA PHE B 71 3.99 -6.44 22.33
C PHE B 71 4.27 -7.70 23.17
N SER B 72 5.03 -7.53 24.27
CA SER B 72 5.31 -8.60 25.20
C SER B 72 4.01 -9.30 25.64
N GLU B 73 3.06 -8.52 26.16
CA GLU B 73 1.72 -9.01 26.53
C GLU B 73 1.14 -9.90 25.42
N GLY B 74 1.34 -9.47 24.17
CA GLY B 74 0.97 -10.26 22.99
C GLY B 74 1.50 -11.68 23.05
N LEU B 75 2.80 -11.80 23.33
CA LEU B 75 3.51 -13.08 23.24
C LEU B 75 3.13 -14.10 24.32
N SER B 76 2.49 -13.64 25.40
CA SER B 76 1.90 -14.52 26.43
C SER B 76 0.47 -15.01 26.10
N HIS B 77 -0.28 -14.19 25.36
CA HIS B 77 -1.68 -14.46 25.04
C HIS B 77 -1.86 -14.61 23.54
N LEU B 78 -0.92 -15.29 22.90
CA LEU B 78 -0.83 -15.38 21.44
C LEU B 78 -2.07 -15.86 20.68
N ASP B 79 -2.86 -16.75 21.29
CA ASP B 79 -4.02 -17.37 20.63
C ASP B 79 -5.33 -16.73 21.07
N ASN B 80 -5.20 -15.56 21.69
CA ASN B 80 -6.34 -14.74 22.10
C ASN B 80 -6.01 -13.24 21.87
N LEU B 81 -5.32 -12.95 20.77
CA LEU B 81 -4.84 -11.60 20.52
C LEU B 81 -5.97 -10.55 20.36
N LYS B 82 -7.15 -11.01 19.94
CA LYS B 82 -8.33 -10.15 19.87
C LYS B 82 -8.61 -9.57 21.25
N GLY B 83 -8.98 -10.47 22.18
CA GLY B 83 -9.30 -10.11 23.57
C GLY B 83 -8.32 -9.11 24.17
N THR B 84 -7.09 -9.60 24.34
CA THR B 84 -5.93 -8.81 24.77
C THR B 84 -5.83 -7.38 24.14
N PHE B 85 -6.13 -7.24 22.84
CA PHE B 85 -5.80 -6.01 22.13
C PHE B 85 -6.98 -5.12 21.75
N ALA B 86 -8.18 -5.57 22.10
CA ALA B 86 -9.39 -4.84 21.72
C ALA B 86 -9.40 -3.41 22.27
N LYS B 87 -9.17 -3.27 23.56
CA LYS B 87 -9.09 -1.95 24.17
C LYS B 87 -8.13 -0.99 23.39
N LEU B 88 -6.95 -1.46 22.97
CA LEU B 88 -5.99 -0.67 22.15
C LEU B 88 -6.48 -0.46 20.72
N SER B 89 -7.12 -1.48 20.17
CA SER B 89 -7.69 -1.41 18.86
C SER B 89 -8.81 -0.38 18.88
N GLU B 90 -9.66 -0.40 19.92
CA GLU B 90 -10.73 0.60 19.98
C GLU B 90 -10.13 1.99 20.10
N LEU B 91 -9.04 2.08 20.86
CA LEU B 91 -8.33 3.34 21.01
C LEU B 91 -7.73 3.85 19.68
N HIS B 92 -6.86 3.06 19.06
CA HIS B 92 -6.16 3.50 17.84
C HIS B 92 -7.08 3.82 16.65
N CYS B 93 -8.11 3.01 16.45
CA CYS B 93 -8.96 3.13 15.29
C CYS B 93 -9.96 4.28 15.41
N ASP B 94 -10.69 4.30 16.52
CA ASP B 94 -11.83 5.23 16.75
C ASP B 94 -11.43 6.62 17.23
N LYS B 95 -10.72 6.70 18.36
CA LYS B 95 -10.29 8.01 18.90
C LYS B 95 -9.00 8.55 18.27
N LEU B 96 -8.30 7.74 17.49
CA LEU B 96 -7.06 8.19 16.87
C LEU B 96 -7.06 8.15 15.34
N HIS B 97 -7.87 7.27 14.75
CA HIS B 97 -7.87 7.13 13.28
C HIS B 97 -6.42 6.99 12.76
N VAL B 98 -5.73 5.95 13.24
CA VAL B 98 -4.44 5.56 12.73
C VAL B 98 -4.74 4.43 11.79
N ASP B 99 -4.41 4.66 10.52
CA ASP B 99 -4.76 3.71 9.48
C ASP B 99 -3.98 2.40 9.65
N PRO B 100 -4.70 1.27 9.65
CA PRO B 100 -4.17 -0.10 9.73
C PRO B 100 -2.75 -0.27 9.15
N GLU B 101 -2.55 0.10 7.89
CA GLU B 101 -1.26 -0.01 7.24
C GLU B 101 -0.09 0.34 8.19
N ASN B 102 -0.33 1.34 9.05
CA ASN B 102 0.69 1.79 10.00
C ASN B 102 1.04 0.78 11.09
N PHE B 103 0.12 -0.13 11.38
CA PHE B 103 0.39 -1.18 12.35
C PHE B 103 1.43 -2.20 11.85
N ARG B 104 1.34 -2.49 10.55
CA ARG B 104 2.23 -3.39 9.86
C ARG B 104 3.63 -2.80 9.70
N LEU B 105 3.72 -1.47 9.56
CA LEU B 105 5.01 -0.85 9.32
C LEU B 105 5.77 -0.83 10.60
N LEU B 106 5.06 -0.76 11.72
CA LEU B 106 5.70 -0.82 13.04
C LEU B 106 6.27 -2.21 13.35
N GLY B 107 5.42 -3.24 13.25
CA GLY B 107 5.85 -4.63 13.39
C GLY B 107 7.09 -4.95 12.56
N ASN B 108 7.09 -4.47 11.32
CA ASN B 108 8.27 -4.65 10.46
C ASN B 108 9.52 -3.93 10.97
N VAL B 109 9.32 -2.75 11.51
CA VAL B 109 10.46 -1.97 11.94
C VAL B 109 11.00 -2.64 13.22
N LEU B 110 10.04 -3.22 13.96
CA LEU B 110 10.39 -3.94 15.16
C LEU B 110 11.29 -5.12 14.77
N VAL B 111 11.01 -5.70 13.61
CA VAL B 111 11.80 -6.84 13.14
C VAL B 111 13.24 -6.43 12.75
N ILE B 112 13.36 -5.37 11.97
CA ILE B 112 14.67 -4.78 11.65
C ILE B 112 15.45 -4.56 12.92
N VAL B 113 14.86 -3.86 13.88
CA VAL B 113 15.50 -3.50 15.15
C VAL B 113 16.03 -4.75 15.91
N LEU B 114 15.22 -5.80 15.91
CA LEU B 114 15.63 -7.09 16.49
C LEU B 114 16.86 -7.63 15.74
N SER B 115 16.84 -7.47 14.43
CA SER B 115 17.93 -7.96 13.60
C SER B 115 19.19 -7.19 14.02
N HIS B 116 19.02 -5.86 14.08
CA HIS B 116 20.09 -4.89 14.40
C HIS B 116 20.78 -5.18 15.71
N HIS B 117 19.98 -5.59 16.69
CA HIS B 117 20.47 -5.88 18.03
C HIS B 117 21.18 -7.23 18.11
N PHE B 118 20.63 -8.24 17.44
CA PHE B 118 21.05 -9.64 17.66
C PHE B 118 21.93 -10.30 16.59
N GLY B 119 22.17 -9.60 15.47
CA GLY B 119 22.93 -10.17 14.38
C GLY B 119 22.51 -11.60 14.08
N LYS B 120 23.48 -12.43 13.73
CA LYS B 120 23.29 -13.80 13.31
C LYS B 120 22.40 -14.69 14.16
N GLU B 121 22.23 -14.36 15.45
CA GLU B 121 21.30 -15.10 16.36
C GLU B 121 19.84 -15.06 15.85
N PHE B 122 19.46 -13.90 15.31
CA PHE B 122 18.21 -13.64 14.64
C PHE B 122 18.28 -14.25 13.23
N THR B 123 18.25 -15.57 13.23
CA THR B 123 18.38 -16.39 12.04
C THR B 123 17.14 -16.32 11.14
N PRO B 124 17.27 -16.73 9.87
CA PRO B 124 16.05 -16.74 9.06
C PRO B 124 14.82 -17.38 9.72
N GLN B 125 15.05 -18.38 10.56
CA GLN B 125 13.96 -19.18 11.12
C GLN B 125 13.32 -18.42 12.25
N VAL B 126 14.14 -17.65 12.98
CA VAL B 126 13.62 -16.75 14.00
C VAL B 126 12.94 -15.50 13.39
N GLN B 127 13.35 -15.13 12.18
CA GLN B 127 12.70 -14.04 11.48
C GLN B 127 11.29 -14.48 11.06
N ALA B 128 11.14 -15.78 10.82
CA ALA B 128 9.85 -16.25 10.36
C ALA B 128 8.93 -16.26 11.57
N ALA B 129 9.34 -16.97 12.62
CA ALA B 129 8.49 -17.08 13.80
C ALA B 129 7.99 -15.68 14.19
N TYR B 130 8.87 -14.67 14.17
CA TYR B 130 8.46 -13.30 14.52
C TYR B 130 7.51 -12.63 13.50
N GLN B 131 7.77 -12.81 12.19
CA GLN B 131 6.93 -12.26 11.15
C GLN B 131 5.49 -12.73 11.32
N LYS B 132 5.32 -13.96 11.83
CA LYS B 132 4.00 -14.46 12.23
C LYS B 132 3.39 -13.63 13.38
N VAL B 133 4.22 -13.35 14.39
CA VAL B 133 3.78 -12.67 15.59
C VAL B 133 3.38 -11.22 15.27
N VAL B 134 4.23 -10.47 14.59
CA VAL B 134 3.91 -9.08 14.25
C VAL B 134 2.64 -8.94 13.41
N ALA B 135 2.47 -9.77 12.38
CA ALA B 135 1.21 -9.74 11.60
C ALA B 135 0.09 -9.76 12.59
N GLY B 136 -0.10 -10.94 13.18
CA GLY B 136 -1.18 -11.18 14.09
C GLY B 136 -1.52 -9.97 14.92
N VAL B 137 -0.55 -9.49 15.71
CA VAL B 137 -0.74 -8.30 16.54
C VAL B 137 -1.33 -7.13 15.72
N ALA B 138 -0.73 -6.86 14.56
CA ALA B 138 -1.18 -5.78 13.68
C ALA B 138 -2.59 -6.02 13.13
N ASN B 139 -2.86 -7.27 12.77
CA ASN B 139 -4.23 -7.74 12.45
C ASN B 139 -5.22 -7.51 13.60
N ALA B 140 -4.80 -7.81 14.83
CA ALA B 140 -5.68 -7.64 15.98
C ALA B 140 -5.99 -6.16 16.22
N LEU B 141 -4.95 -5.33 16.10
CA LEU B 141 -5.09 -3.88 16.23
C LEU B 141 -5.91 -3.25 15.09
N ALA B 142 -5.89 -3.87 13.92
CA ALA B 142 -6.77 -3.49 12.84
C ALA B 142 -8.23 -3.79 13.18
N HIS B 143 -8.42 -4.81 14.01
CA HIS B 143 -9.67 -5.57 14.16
C HIS B 143 -10.93 -4.80 14.62
N LYS B 144 -10.76 -3.64 15.24
CA LYS B 144 -11.93 -2.78 15.56
C LYS B 144 -12.73 -2.24 14.36
N TYR B 145 -12.05 -1.75 13.31
CA TYR B 145 -12.74 -1.44 12.04
C TYR B 145 -13.59 -2.65 11.62
N HIS B 146 -12.95 -3.81 11.54
CA HIS B 146 -13.62 -5.08 11.16
C HIS B 146 -14.48 -5.64 12.31
N VAL C 1 5.47 4.89 -12.73
CA VAL C 1 6.30 5.45 -13.86
C VAL C 1 5.39 5.52 -15.07
N LEU C 2 5.37 6.67 -15.73
CA LEU C 2 4.44 6.90 -16.84
C LEU C 2 5.00 6.48 -18.19
N SER C 3 4.25 5.72 -18.96
CA SER C 3 4.66 5.49 -20.34
C SER C 3 4.30 6.70 -21.23
N PRO C 4 5.00 6.85 -22.39
CA PRO C 4 4.72 7.83 -23.41
C PRO C 4 3.26 7.91 -23.65
N ALA C 5 2.62 6.74 -23.63
CA ALA C 5 1.18 6.64 -23.84
C ALA C 5 0.39 7.23 -22.67
N ASP C 6 0.85 6.98 -21.44
CA ASP C 6 0.22 7.57 -20.28
C ASP C 6 0.17 9.09 -20.48
N LYS C 7 1.21 9.63 -21.11
CA LYS C 7 1.39 11.06 -21.19
C LYS C 7 0.48 11.64 -22.26
N THR C 8 0.37 10.90 -23.36
CA THR C 8 -0.66 11.18 -24.33
C THR C 8 -2.02 11.16 -23.62
N ASN C 9 -2.40 10.02 -23.04
CA ASN C 9 -3.72 9.81 -22.44
C ASN C 9 -4.11 10.85 -21.40
N ILE C 10 -3.13 11.45 -20.73
CA ILE C 10 -3.42 12.36 -19.64
C ILE C 10 -3.69 13.76 -20.17
N LYS C 11 -2.72 14.32 -20.92
CA LYS C 11 -2.91 15.60 -21.60
C LYS C 11 -4.23 15.56 -22.38
N THR C 12 -4.34 14.57 -23.26
CA THR C 12 -5.52 14.31 -24.10
C THR C 12 -6.83 14.38 -23.30
N ALA C 13 -6.93 13.57 -22.24
CA ALA C 13 -8.05 13.66 -21.32
C ALA C 13 -8.24 15.07 -20.76
N TRP C 14 -7.16 15.69 -20.32
CA TRP C 14 -7.31 16.89 -19.54
C TRP C 14 -7.73 18.09 -20.41
N GLU C 15 -7.41 18.03 -21.70
CA GLU C 15 -7.92 19.03 -22.62
C GLU C 15 -9.42 18.95 -22.65
N LYS C 16 -9.92 17.73 -22.46
CA LYS C 16 -11.36 17.45 -22.53
C LYS C 16 -12.07 17.73 -21.20
N ILE C 17 -11.51 18.64 -20.41
CA ILE C 17 -12.12 19.03 -19.14
C ILE C 17 -12.83 20.38 -19.25
N GLY C 18 -12.67 21.06 -20.39
CA GLY C 18 -13.14 22.44 -20.58
C GLY C 18 -12.69 23.24 -19.38
N SER C 19 -13.50 24.22 -18.98
CA SER C 19 -13.21 24.94 -17.73
C SER C 19 -14.01 24.34 -16.56
N HIS C 20 -14.37 23.06 -16.70
CA HIS C 20 -15.23 22.41 -15.72
C HIS C 20 -14.43 21.81 -14.56
N GLY C 21 -13.14 21.55 -14.80
CA GLY C 21 -12.23 20.94 -13.81
C GLY C 21 -12.44 21.26 -12.33
N GLY C 22 -12.70 22.54 -12.03
CA GLY C 22 -12.85 23.00 -10.64
C GLY C 22 -14.16 22.60 -9.99
N GLU C 23 -15.12 22.16 -10.81
CA GLU C 23 -16.39 21.72 -10.29
C GLU C 23 -16.23 20.21 -9.97
N TYR C 24 -15.33 19.56 -10.71
CA TYR C 24 -14.91 18.21 -10.39
C TYR C 24 -14.01 18.22 -9.14
N GLY C 25 -13.24 19.28 -8.97
CA GLY C 25 -12.41 19.47 -7.78
C GLY C 25 -13.21 19.45 -6.47
N ALA C 26 -14.24 20.28 -6.42
CA ALA C 26 -15.18 20.35 -5.30
C ALA C 26 -15.89 19.03 -5.04
N GLU C 27 -16.46 18.44 -6.09
CA GLU C 27 -17.27 17.22 -5.94
C GLU C 27 -16.48 16.03 -5.41
N ALA C 28 -15.28 15.82 -5.92
CA ALA C 28 -14.52 14.65 -5.55
C ALA C 28 -14.13 14.77 -4.11
N VAL C 29 -13.69 15.99 -3.75
CA VAL C 29 -13.32 16.34 -2.38
C VAL C 29 -14.52 16.06 -1.50
N GLU C 30 -15.70 16.25 -2.04
CA GLU C 30 -16.89 16.02 -1.26
C GLU C 30 -17.15 14.52 -1.11
N ARG C 31 -16.95 13.79 -2.19
CA ARG C 31 -17.05 12.33 -2.18
C ARG C 31 -16.05 11.74 -1.17
N MET C 32 -14.87 12.36 -1.10
CA MET C 32 -13.91 12.02 -0.09
C MET C 32 -14.47 12.18 1.30
N PHE C 33 -14.60 13.42 1.79
CA PHE C 33 -15.10 13.67 3.15
C PHE C 33 -16.34 12.87 3.48
N LEU C 34 -17.21 12.61 2.50
CA LEU C 34 -18.43 11.85 2.80
C LEU C 34 -18.23 10.35 2.77
N GLY C 35 -17.31 9.90 1.93
CA GLY C 35 -17.05 8.47 1.80
C GLY C 35 -16.07 7.98 2.83
N PHE C 36 -15.18 8.89 3.25
CA PHE C 36 -14.19 8.54 4.26
C PHE C 36 -13.99 9.68 5.22
N PRO C 37 -14.95 9.88 6.16
CA PRO C 37 -14.94 11.00 7.12
C PRO C 37 -13.72 11.16 8.07
N THR C 38 -12.87 10.12 8.25
CA THR C 38 -11.57 10.40 8.89
C THR C 38 -10.74 11.44 8.11
N THR C 39 -11.09 11.73 6.85
CA THR C 39 -10.30 12.67 6.05
C THR C 39 -10.54 14.13 6.41
N LYS C 40 -11.75 14.47 6.84
CA LYS C 40 -12.09 15.80 7.40
C LYS C 40 -11.06 16.33 8.44
N THR C 41 -10.60 15.42 9.33
CA THR C 41 -9.53 15.68 10.28
C THR C 41 -8.51 16.69 9.76
N TYR C 42 -8.24 16.67 8.47
CA TYR C 42 -7.25 17.57 7.92
C TYR C 42 -7.75 19.00 7.61
N PHE C 43 -9.04 19.28 7.91
CA PHE C 43 -9.70 20.53 7.51
C PHE C 43 -10.59 21.13 8.64
N PRO C 44 -10.12 21.06 9.91
CA PRO C 44 -11.05 21.41 11.00
C PRO C 44 -11.40 22.90 11.06
N HIS C 45 -10.77 23.65 10.17
CA HIS C 45 -10.96 25.10 10.15
C HIS C 45 -11.73 25.60 8.92
N PHE C 46 -12.58 24.73 8.36
CA PHE C 46 -13.19 24.85 7.03
C PHE C 46 -14.71 24.76 7.05
N ASP C 47 -15.35 25.37 6.06
CA ASP C 47 -16.79 25.16 5.84
C ASP C 47 -16.99 23.89 4.98
N PHE C 48 -17.86 22.99 5.45
CA PHE C 48 -18.11 21.72 4.76
C PHE C 48 -19.50 21.63 4.18
N THR C 49 -20.48 22.13 4.94
CA THR C 49 -21.86 22.18 4.51
C THR C 49 -21.99 21.87 2.99
N HIS C 50 -22.95 21.01 2.64
CA HIS C 50 -23.36 20.85 1.25
C HIS C 50 -23.32 22.24 0.62
N GLY C 51 -22.40 22.42 -0.33
CA GLY C 51 -22.32 23.68 -1.08
C GLY C 51 -21.31 24.72 -0.64
N SER C 52 -20.51 24.41 0.38
CA SER C 52 -19.53 25.33 0.92
C SER C 52 -18.87 26.16 -0.18
N GLU C 53 -18.66 27.45 0.06
CA GLU C 53 -17.88 28.24 -0.87
C GLU C 53 -16.38 27.90 -0.71
N GLN C 54 -16.00 27.44 0.49
CA GLN C 54 -14.59 27.12 0.81
C GLN C 54 -14.15 25.86 0.03
N ILE C 55 -15.06 24.89 -0.05
CA ILE C 55 -14.86 23.70 -0.85
C ILE C 55 -14.91 24.10 -2.32
N LYS C 56 -15.79 25.05 -2.66
CA LYS C 56 -15.84 25.59 -4.02
C LYS C 56 -14.46 26.12 -4.44
N ALA C 57 -13.83 26.91 -3.56
CA ALA C 57 -12.52 27.48 -3.88
C ALA C 57 -11.38 26.49 -3.76
N HIS C 58 -11.47 25.55 -2.84
CA HIS C 58 -10.35 24.63 -2.68
C HIS C 58 -10.17 23.67 -3.90
N GLY C 59 -11.27 23.15 -4.45
CA GLY C 59 -11.24 22.30 -5.65
C GLY C 59 -10.71 23.01 -6.89
N LYS C 60 -11.04 24.29 -7.03
CA LYS C 60 -10.47 25.10 -8.09
C LYS C 60 -8.97 25.08 -7.96
N LYS C 61 -8.47 25.36 -6.74
CA LYS C 61 -7.04 25.20 -6.42
C LYS C 61 -6.49 23.80 -6.72
N VAL C 62 -7.19 22.75 -6.31
CA VAL C 62 -6.68 21.40 -6.53
C VAL C 62 -6.60 21.08 -8.04
N SER C 63 -7.67 21.37 -8.77
CA SER C 63 -7.66 21.10 -10.20
C SER C 63 -6.54 21.89 -10.89
N GLU C 64 -6.43 23.19 -10.61
CA GLU C 64 -5.38 24.03 -11.23
C GLU C 64 -4.00 23.44 -11.01
N ALA C 65 -3.85 22.76 -9.86
CA ALA C 65 -2.62 22.09 -9.45
C ALA C 65 -2.33 20.92 -10.38
N LEU C 66 -3.37 20.15 -10.67
CA LEU C 66 -3.20 19.06 -11.62
C LEU C 66 -3.07 19.61 -13.06
N THR C 67 -3.55 20.83 -13.29
CA THR C 67 -3.31 21.46 -14.59
C THR C 67 -1.82 21.73 -14.77
N LYS C 68 -1.22 22.31 -13.74
CA LYS C 68 0.23 22.58 -13.69
C LYS C 68 0.99 21.27 -13.78
N ALA C 69 0.45 20.23 -13.16
CA ALA C 69 1.07 18.91 -13.17
C ALA C 69 1.03 18.35 -14.56
N VAL C 70 -0.11 18.43 -15.21
CA VAL C 70 -0.20 18.01 -16.61
C VAL C 70 0.70 18.92 -17.47
N GLY C 71 0.89 20.17 -17.05
CA GLY C 71 1.87 21.10 -17.65
C GLY C 71 3.29 20.53 -17.64
N HIS C 72 3.67 19.85 -16.55
CA HIS C 72 5.04 19.33 -16.42
C HIS C 72 5.14 17.88 -15.92
N LEU C 73 4.80 16.90 -16.77
CA LEU C 73 4.78 15.48 -16.36
C LEU C 73 6.12 14.75 -16.34
N ASP C 74 7.16 15.39 -16.89
CA ASP C 74 8.52 14.80 -16.90
C ASP C 74 9.35 15.28 -15.69
N ASP C 75 8.79 16.26 -14.98
CA ASP C 75 9.46 16.93 -13.88
C ASP C 75 8.38 17.40 -12.89
N LEU C 76 7.73 16.42 -12.26
CA LEU C 76 6.67 16.69 -11.32
C LEU C 76 7.19 17.14 -9.95
N PRO C 77 8.35 16.59 -9.47
CA PRO C 77 8.84 17.02 -8.15
C PRO C 77 9.22 18.49 -8.16
N GLY C 78 9.88 18.94 -9.23
CA GLY C 78 10.18 20.36 -9.43
C GLY C 78 8.90 21.19 -9.47
N ALA C 79 8.00 20.84 -10.40
CA ALA C 79 6.76 21.60 -10.65
C ALA C 79 5.78 21.63 -9.50
N LEU C 80 6.06 20.86 -8.45
CA LEU C 80 5.07 20.78 -7.35
C LEU C 80 5.71 21.00 -6.00
N SER C 81 6.98 21.40 -6.01
CA SER C 81 7.85 21.44 -4.84
C SER C 81 7.19 22.10 -3.66
N ALA C 82 6.43 23.15 -3.94
CA ALA C 82 5.74 23.93 -2.90
C ALA C 82 4.61 23.13 -2.22
N LEU C 83 3.76 22.47 -3.03
CA LEU C 83 2.73 21.61 -2.46
C LEU C 83 3.36 20.44 -1.68
N SER C 84 4.58 20.05 -2.04
CA SER C 84 5.28 19.05 -1.24
C SER C 84 5.52 19.65 0.11
N ASP C 85 6.16 20.81 0.11
CA ASP C 85 6.54 21.48 1.34
C ASP C 85 5.33 21.78 2.20
N LEU C 86 4.15 21.86 1.61
CA LEU C 86 2.97 22.04 2.42
C LEU C 86 2.40 20.72 2.89
N HIS C 87 2.30 19.76 1.98
CA HIS C 87 1.63 18.52 2.32
C HIS C 87 2.52 17.58 3.13
N ALA C 88 3.82 17.55 2.79
CA ALA C 88 4.76 16.56 3.32
C ALA C 88 5.56 17.09 4.48
N HIS C 89 5.86 18.38 4.44
CA HIS C 89 6.74 19.01 5.42
C HIS C 89 5.98 19.61 6.59
N LYS C 90 4.85 20.21 6.30
CA LYS C 90 4.11 20.90 7.31
C LYS C 90 2.89 20.07 7.69
N LEU C 91 2.06 19.71 6.72
CA LEU C 91 0.85 18.97 7.02
C LEU C 91 1.08 17.50 7.41
N ARG C 92 2.12 16.89 6.86
CA ARG C 92 2.51 15.48 7.15
C ARG C 92 1.38 14.49 6.93
N VAL C 93 0.83 14.53 5.71
CA VAL C 93 -0.39 13.80 5.29
C VAL C 93 -0.14 12.31 5.03
N ASP C 94 -1.05 11.47 5.50
CA ASP C 94 -0.84 10.03 5.37
C ASP C 94 -1.19 9.63 3.95
N PRO C 95 -0.25 8.98 3.23
CA PRO C 95 -0.43 8.73 1.80
C PRO C 95 -1.68 7.93 1.47
N VAL C 96 -2.31 7.34 2.48
CA VAL C 96 -3.55 6.61 2.28
C VAL C 96 -4.60 7.65 1.89
N ASN C 97 -4.62 8.78 2.58
CA ASN C 97 -5.54 9.87 2.26
C ASN C 97 -5.40 10.33 0.83
N PHE C 98 -4.22 10.19 0.25
CA PHE C 98 -4.06 10.57 -1.14
C PHE C 98 -4.66 9.54 -2.06
N LYS C 99 -4.54 8.26 -1.72
CA LYS C 99 -5.18 7.22 -2.52
C LYS C 99 -6.69 7.42 -2.43
N LEU C 100 -7.18 7.82 -1.26
CA LEU C 100 -8.61 8.02 -1.12
C LEU C 100 -9.12 9.18 -1.98
N LEU C 101 -8.40 10.29 -2.00
CA LEU C 101 -8.80 11.41 -2.84
C LEU C 101 -8.60 11.08 -4.32
N SER C 102 -7.55 10.34 -4.66
CA SER C 102 -7.34 10.01 -6.06
C SER C 102 -8.57 9.23 -6.54
N HIS C 103 -8.80 8.07 -5.92
CA HIS C 103 -10.02 7.26 -6.12
C HIS C 103 -11.28 8.11 -6.22
N CYS C 104 -11.42 9.09 -5.34
CA CYS C 104 -12.54 10.01 -5.39
C CYS C 104 -12.55 10.99 -6.59
N LEU C 105 -11.37 11.32 -7.11
CA LEU C 105 -11.25 12.04 -8.38
C LEU C 105 -11.59 11.12 -9.54
N LEU C 106 -11.30 9.82 -9.36
CA LEU C 106 -11.57 8.85 -10.43
C LEU C 106 -13.08 8.63 -10.53
N VAL C 107 -13.72 8.53 -9.37
CA VAL C 107 -15.17 8.34 -9.29
C VAL C 107 -15.92 9.56 -9.85
N THR C 108 -15.32 10.74 -9.83
CA THR C 108 -16.06 11.93 -10.26
C THR C 108 -15.90 12.05 -11.74
N LEU C 109 -14.65 11.98 -12.19
CA LEU C 109 -14.43 11.98 -13.64
C LEU C 109 -15.34 10.98 -14.39
N ALA C 110 -15.47 9.76 -13.84
CA ALA C 110 -16.33 8.74 -14.40
C ALA C 110 -17.85 9.11 -14.35
N ASN C 111 -18.24 9.99 -13.43
CA ASN C 111 -19.62 10.45 -13.32
C ASN C 111 -20.04 11.33 -14.50
N HIS C 112 -19.21 12.32 -14.81
CA HIS C 112 -19.53 13.36 -15.77
C HIS C 112 -18.99 13.09 -17.17
N HIS C 113 -17.97 12.24 -17.28
CA HIS C 113 -17.30 11.96 -18.56
C HIS C 113 -17.26 10.45 -18.94
N PRO C 114 -18.43 9.77 -18.93
CA PRO C 114 -18.32 8.36 -19.23
C PRO C 114 -17.64 8.10 -20.59
N SER C 115 -18.17 8.70 -21.66
CA SER C 115 -17.69 8.45 -23.04
C SER C 115 -16.18 8.69 -23.12
N GLU C 116 -15.67 9.69 -22.41
CA GLU C 116 -14.23 9.85 -22.21
C GLU C 116 -13.57 8.81 -21.28
N PHE C 117 -14.30 8.25 -20.32
CA PHE C 117 -13.64 7.43 -19.27
C PHE C 117 -13.25 5.96 -19.66
N THR C 118 -12.48 5.86 -20.74
CA THR C 118 -12.11 4.56 -21.31
C THR C 118 -11.25 3.77 -20.32
N PRO C 119 -11.17 2.44 -20.45
CA PRO C 119 -10.28 1.68 -19.55
C PRO C 119 -8.85 2.15 -19.63
N ALA C 120 -8.44 2.55 -20.84
CA ALA C 120 -7.07 3.01 -21.11
C ALA C 120 -6.79 4.35 -20.44
N VAL C 121 -7.80 5.22 -20.36
CA VAL C 121 -7.62 6.51 -19.69
C VAL C 121 -7.67 6.33 -18.18
N HIS C 122 -8.60 5.47 -17.73
CA HIS C 122 -8.71 5.04 -16.33
C HIS C 122 -7.39 4.58 -15.75
N ALA C 123 -6.59 3.86 -16.55
CA ALA C 123 -5.32 3.34 -16.07
C ALA C 123 -4.20 4.39 -16.08
N SER C 124 -4.23 5.27 -17.07
CA SER C 124 -3.24 6.33 -17.16
C SER C 124 -3.45 7.42 -16.12
N LEU C 125 -4.71 7.81 -15.88
CA LEU C 125 -5.03 8.82 -14.85
C LEU C 125 -4.67 8.37 -13.45
N ASP C 126 -5.00 7.12 -13.14
CA ASP C 126 -4.58 6.50 -11.88
C ASP C 126 -3.09 6.60 -11.65
N LYS C 127 -2.29 6.31 -12.68
CA LYS C 127 -0.82 6.40 -12.59
C LYS C 127 -0.32 7.84 -12.46
N PHE C 128 -0.96 8.75 -13.19
CA PHE C 128 -0.80 10.21 -13.01
C PHE C 128 -1.11 10.67 -11.59
N LEU C 129 -2.21 10.21 -10.99
CA LEU C 129 -2.52 10.57 -9.59
C LEU C 129 -1.64 9.91 -8.52
N ALA C 130 -1.26 8.64 -8.69
CA ALA C 130 -0.27 8.07 -7.81
C ALA C 130 1.05 8.87 -7.91
N ASN C 131 1.45 9.26 -9.12
CA ASN C 131 2.65 10.07 -9.28
C ASN C 131 2.56 11.38 -8.52
N VAL C 132 1.60 12.23 -8.87
CA VAL C 132 1.29 13.45 -8.10
C VAL C 132 1.33 13.12 -6.60
N SER C 133 0.58 12.09 -6.22
CA SER C 133 0.49 11.64 -4.84
C SER C 133 1.86 11.36 -4.26
N THR C 134 2.68 10.63 -5.01
CA THR C 134 3.99 10.22 -4.53
C THR C 134 4.76 11.46 -4.20
N VAL C 135 4.61 12.48 -5.05
CA VAL C 135 5.37 13.73 -5.00
C VAL C 135 5.04 14.52 -3.74
N LEU C 136 3.75 14.84 -3.53
CA LEU C 136 3.34 15.69 -2.39
C LEU C 136 3.55 15.08 -1.01
N THR C 137 3.62 13.74 -0.93
CA THR C 137 3.91 13.04 0.32
C THR C 137 5.39 12.81 0.57
N SER C 138 6.23 13.03 -0.44
CA SER C 138 7.67 12.83 -0.29
C SER C 138 8.41 14.09 0.16
N LYS C 139 9.36 13.92 1.07
CA LYS C 139 10.20 15.02 1.54
C LYS C 139 11.50 14.87 0.77
N TYR C 140 11.75 15.79 -0.15
CA TYR C 140 12.84 15.64 -1.09
C TYR C 140 13.70 16.92 -1.26
N ARG C 141 13.38 17.96 -0.50
CA ARG C 141 14.10 19.22 -0.64
C ARG C 141 15.04 19.39 0.51
N VAL D 1 -21.77 -5.31 7.30
CA VAL D 1 -21.48 -3.86 7.49
C VAL D 1 -22.63 -3.11 8.22
N HIS D 2 -22.34 -1.89 8.66
CA HIS D 2 -23.33 -1.03 9.30
C HIS D 2 -23.86 0.00 8.32
N LEU D 3 -25.18 0.00 8.14
CA LEU D 3 -25.82 0.94 7.23
C LEU D 3 -27.09 1.45 7.82
N SER D 4 -27.31 2.75 7.66
CA SER D 4 -28.50 3.39 8.15
C SER D 4 -29.69 2.94 7.29
N GLY D 5 -30.92 3.04 7.84
CA GLY D 5 -32.13 2.74 7.06
C GLY D 5 -32.02 3.26 5.64
N GLU D 6 -31.85 4.56 5.50
CA GLU D 6 -31.72 5.19 4.17
C GLU D 6 -30.61 4.67 3.25
N GLU D 7 -29.37 4.60 3.75
CA GLU D 7 -28.25 4.03 3.00
C GLU D 7 -28.52 2.59 2.58
N LYS D 8 -29.24 1.86 3.42
CA LYS D 8 -29.56 0.48 3.13
C LYS D 8 -30.50 0.44 1.95
N SER D 9 -31.38 1.43 1.87
CA SER D 9 -32.39 1.46 0.84
C SER D 9 -31.76 1.84 -0.48
N ALA D 10 -30.85 2.80 -0.45
CA ALA D 10 -30.06 3.18 -1.63
C ALA D 10 -29.21 2.00 -2.21
N VAL D 11 -28.41 1.35 -1.36
CA VAL D 11 -27.54 0.25 -1.80
C VAL D 11 -28.32 -0.83 -2.56
N THR D 12 -29.53 -1.10 -2.12
CA THR D 12 -30.34 -2.10 -2.75
C THR D 12 -30.97 -1.54 -4.01
N ALA D 13 -31.83 -0.54 -3.84
CA ALA D 13 -32.51 0.16 -4.94
C ALA D 13 -31.61 0.26 -6.17
N LEU D 14 -30.46 0.89 -5.97
CA LEU D 14 -29.43 1.01 -6.99
C LEU D 14 -29.01 -0.34 -7.54
N TRP D 15 -28.74 -1.29 -6.64
CA TRP D 15 -28.20 -2.57 -7.03
C TRP D 15 -29.21 -3.26 -7.90
N GLY D 16 -30.47 -2.89 -7.71
CA GLY D 16 -31.58 -3.41 -8.53
C GLY D 16 -31.49 -3.08 -10.01
N LYS D 17 -30.94 -1.90 -10.33
CA LYS D 17 -30.90 -1.35 -11.68
C LYS D 17 -29.62 -1.75 -12.41
N VAL D 18 -28.75 -2.45 -11.70
CA VAL D 18 -27.43 -2.84 -12.23
C VAL D 18 -27.60 -3.81 -13.37
N ASN D 19 -26.97 -3.49 -14.50
CA ASN D 19 -26.88 -4.46 -15.58
C ASN D 19 -25.95 -5.59 -15.16
N VAL D 20 -26.52 -6.76 -14.91
CA VAL D 20 -25.79 -7.91 -14.38
C VAL D 20 -24.80 -8.55 -15.37
N GLU D 21 -24.97 -8.24 -16.65
CA GLU D 21 -24.19 -8.85 -17.73
C GLU D 21 -22.96 -8.00 -17.98
N GLU D 22 -23.11 -6.70 -17.84
CA GLU D 22 -22.02 -5.79 -18.12
C GLU D 22 -21.08 -5.56 -16.90
N VAL D 23 -21.66 -5.15 -15.78
CA VAL D 23 -20.88 -4.52 -14.72
C VAL D 23 -19.64 -5.31 -14.23
N GLY D 24 -19.85 -6.50 -13.66
CA GLY D 24 -18.74 -7.32 -13.20
C GLY D 24 -17.74 -7.57 -14.32
N GLY D 25 -18.22 -7.67 -15.55
CA GLY D 25 -17.30 -7.79 -16.67
C GLY D 25 -16.45 -6.53 -16.79
N GLU D 26 -17.11 -5.38 -16.89
CA GLU D 26 -16.45 -4.11 -17.12
C GLU D 26 -15.44 -3.92 -16.00
N THR D 27 -15.91 -4.16 -14.78
CA THR D 27 -15.09 -4.07 -13.57
C THR D 27 -13.82 -4.90 -13.62
N LEU D 28 -13.95 -6.21 -13.84
CA LEU D 28 -12.79 -7.08 -13.86
C LEU D 28 -11.74 -6.64 -14.89
N GLY D 29 -12.23 -6.15 -16.03
CA GLY D 29 -11.36 -5.62 -17.05
C GLY D 29 -10.62 -4.40 -16.55
N ARG D 30 -11.37 -3.49 -15.93
CA ARG D 30 -10.79 -2.28 -15.39
C ARG D 30 -9.71 -2.64 -14.33
N LEU D 31 -10.01 -3.60 -13.45
CA LEU D 31 -8.98 -4.23 -12.56
C LEU D 31 -7.76 -4.84 -13.28
N LEU D 32 -8.02 -5.57 -14.35
CA LEU D 32 -6.93 -6.11 -15.16
C LEU D 32 -6.11 -5.05 -15.88
N VAL D 33 -6.80 -4.01 -16.38
CA VAL D 33 -6.15 -2.98 -17.18
C VAL D 33 -5.37 -2.10 -16.28
N VAL D 34 -5.97 -1.67 -15.17
CA VAL D 34 -5.33 -0.67 -14.33
C VAL D 34 -4.19 -1.27 -13.46
N TYR D 35 -4.41 -2.49 -12.96
CA TYR D 35 -3.46 -3.11 -12.07
C TYR D 35 -2.98 -4.33 -12.79
N PRO D 36 -1.94 -4.14 -13.59
CA PRO D 36 -1.60 -5.11 -14.59
C PRO D 36 -1.08 -6.42 -14.01
N TRP D 37 -0.56 -6.41 -12.79
CA TRP D 37 0.01 -7.61 -12.21
C TRP D 37 -1.11 -8.58 -11.86
N THR D 38 -2.33 -8.07 -11.75
CA THR D 38 -3.51 -8.92 -11.46
C THR D 38 -3.74 -9.89 -12.61
N GLN D 39 -3.13 -9.61 -13.75
CA GLN D 39 -3.20 -10.50 -14.93
C GLN D 39 -2.50 -11.84 -14.72
N ARG D 40 -1.55 -11.95 -13.79
CA ARG D 40 -0.86 -13.22 -13.53
C ARG D 40 -1.85 -14.30 -13.14
N PHE D 41 -2.87 -13.92 -12.39
CA PHE D 41 -3.88 -14.87 -11.90
C PHE D 41 -4.91 -15.27 -12.99
N PHE D 42 -4.76 -14.74 -14.20
CA PHE D 42 -5.77 -14.99 -15.23
C PHE D 42 -5.12 -15.27 -16.61
N GLU D 43 -3.99 -16.00 -16.60
CA GLU D 43 -3.21 -16.28 -17.82
C GLU D 43 -3.92 -17.29 -18.74
N SER D 44 -4.45 -18.37 -18.14
CA SER D 44 -5.28 -19.32 -18.87
C SER D 44 -6.49 -18.63 -19.56
N PHE D 45 -6.66 -17.33 -19.32
CA PHE D 45 -7.76 -16.59 -19.93
C PHE D 45 -7.44 -16.12 -21.38
N GLY D 46 -6.20 -16.37 -21.84
CA GLY D 46 -5.76 -15.90 -23.17
C GLY D 46 -4.94 -14.61 -23.17
N ASP D 47 -5.22 -13.71 -24.12
CA ASP D 47 -4.44 -12.45 -24.28
C ASP D 47 -5.02 -11.28 -23.45
N LEU D 48 -4.18 -10.74 -22.57
CA LEU D 48 -4.55 -9.65 -21.68
C LEU D 48 -3.62 -8.44 -21.88
N SER D 49 -2.60 -8.60 -22.71
CA SER D 49 -1.55 -7.61 -22.93
C SER D 49 -2.00 -6.18 -23.32
N THR D 50 -3.21 -6.03 -23.85
CA THR D 50 -3.66 -4.70 -24.24
C THR D 50 -5.06 -4.30 -23.73
N ALA D 51 -5.30 -3.00 -23.66
CA ALA D 51 -6.60 -2.43 -23.27
C ALA D 51 -7.76 -3.18 -23.89
N SER D 52 -7.73 -3.26 -25.22
CA SER D 52 -8.82 -3.88 -25.96
C SER D 52 -8.92 -5.34 -25.64
N ALA D 53 -7.78 -6.02 -25.48
CA ALA D 53 -7.78 -7.46 -25.28
C ALA D 53 -8.45 -7.75 -23.95
N VAL D 54 -7.96 -7.15 -22.89
CA VAL D 54 -8.69 -7.17 -21.62
C VAL D 54 -10.22 -7.06 -21.86
N MET D 55 -10.67 -5.97 -22.52
CA MET D 55 -12.14 -5.78 -22.73
C MET D 55 -12.76 -6.40 -24.00
N GLY D 56 -11.97 -7.10 -24.82
CA GLY D 56 -12.49 -7.91 -25.94
C GLY D 56 -12.74 -9.32 -25.42
N ASN D 57 -11.87 -9.75 -24.52
CA ASN D 57 -11.83 -11.09 -23.98
C ASN D 57 -13.15 -11.66 -23.38
N PRO D 58 -13.64 -12.77 -23.97
CA PRO D 58 -14.85 -13.48 -23.52
C PRO D 58 -14.78 -14.05 -22.09
N LYS D 59 -13.63 -14.62 -21.71
CA LYS D 59 -13.47 -15.29 -20.40
C LYS D 59 -13.44 -14.27 -19.26
N VAL D 60 -12.85 -13.13 -19.55
CA VAL D 60 -12.93 -11.95 -18.71
C VAL D 60 -14.40 -11.53 -18.48
N LYS D 61 -15.19 -11.46 -19.55
CA LYS D 61 -16.61 -11.16 -19.38
C LYS D 61 -17.29 -12.24 -18.58
N ALA D 62 -16.93 -13.50 -18.83
CA ALA D 62 -17.50 -14.64 -18.11
C ALA D 62 -17.16 -14.64 -16.64
N HIS D 63 -15.88 -14.46 -16.32
CA HIS D 63 -15.51 -14.52 -14.91
C HIS D 63 -16.03 -13.33 -14.14
N GLY D 64 -16.04 -12.19 -14.84
CA GLY D 64 -16.64 -10.93 -14.38
C GLY D 64 -18.03 -11.10 -13.79
N LYS D 65 -18.90 -11.87 -14.46
CA LYS D 65 -20.22 -12.13 -13.85
C LYS D 65 -20.14 -13.00 -12.60
N LYS D 66 -19.31 -14.04 -12.63
CA LYS D 66 -19.02 -14.87 -11.44
C LYS D 66 -18.74 -14.01 -10.20
N VAL D 67 -18.03 -12.90 -10.38
CA VAL D 67 -17.81 -11.98 -9.26
C VAL D 67 -19.07 -11.14 -8.98
N LEU D 68 -19.81 -10.71 -10.01
CA LEU D 68 -21.02 -9.89 -9.75
C LEU D 68 -22.03 -10.60 -8.81
N ALA D 69 -22.31 -11.89 -9.10
CA ALA D 69 -23.25 -12.70 -8.28
C ALA D 69 -22.79 -12.86 -6.85
N ALA D 70 -21.48 -13.07 -6.68
CA ALA D 70 -20.90 -13.16 -5.33
C ALA D 70 -21.02 -11.85 -4.55
N PHE D 71 -21.00 -10.70 -5.24
CA PHE D 71 -21.28 -9.43 -4.58
C PHE D 71 -22.77 -9.33 -4.18
N SER D 72 -23.68 -9.75 -5.09
CA SER D 72 -25.15 -9.73 -4.81
C SER D 72 -25.54 -10.62 -3.62
N GLU D 73 -25.05 -11.85 -3.64
CA GLU D 73 -25.22 -12.77 -2.52
C GLU D 73 -24.73 -12.07 -1.25
N GLY D 74 -23.51 -11.53 -1.30
CA GLY D 74 -22.98 -10.73 -0.22
C GLY D 74 -23.97 -9.64 0.16
N LEU D 75 -24.39 -8.84 -0.83
CA LEU D 75 -25.37 -7.76 -0.64
C LEU D 75 -26.68 -8.17 0.04
N SER D 76 -27.11 -9.42 -0.11
CA SER D 76 -28.17 -9.91 0.77
C SER D 76 -27.69 -10.34 2.16
N HIS D 77 -26.45 -10.80 2.27
CA HIS D 77 -25.94 -11.41 3.51
C HIS D 77 -24.95 -10.49 4.24
N LEU D 78 -25.19 -9.19 4.19
CA LEU D 78 -24.33 -8.24 4.88
C LEU D 78 -24.24 -8.56 6.35
N ASP D 79 -25.33 -9.06 6.94
CA ASP D 79 -25.26 -9.39 8.35
C ASP D 79 -24.24 -10.54 8.61
N ASN D 80 -23.98 -11.36 7.59
CA ASN D 80 -23.04 -12.45 7.76
C ASN D 80 -22.09 -12.70 6.58
N LEU D 81 -21.28 -11.69 6.22
CA LEU D 81 -20.36 -11.77 5.08
C LEU D 81 -19.17 -12.76 5.29
N LYS D 82 -18.72 -12.90 6.53
CA LYS D 82 -17.69 -13.87 6.90
C LYS D 82 -18.13 -15.29 6.58
N GLY D 83 -19.37 -15.63 6.94
CA GLY D 83 -19.92 -16.94 6.66
C GLY D 83 -20.15 -17.14 5.17
N THR D 84 -20.78 -16.15 4.55
CA THR D 84 -21.10 -16.16 3.11
C THR D 84 -19.86 -16.47 2.25
N PHE D 85 -18.75 -15.82 2.54
CA PHE D 85 -17.58 -15.97 1.69
C PHE D 85 -16.51 -16.92 2.24
N ALA D 86 -16.75 -17.49 3.41
CA ALA D 86 -15.79 -18.40 4.05
C ALA D 86 -15.16 -19.46 3.12
N LYS D 87 -15.95 -20.06 2.24
CA LYS D 87 -15.36 -21.01 1.33
C LYS D 87 -14.52 -20.25 0.30
N LEU D 88 -15.10 -19.17 -0.20
CA LEU D 88 -14.49 -18.42 -1.29
C LEU D 88 -13.18 -17.80 -0.82
N SER D 89 -13.14 -17.31 0.43
CA SER D 89 -11.93 -16.77 1.05
C SER D 89 -10.79 -17.78 1.10
N GLU D 90 -11.09 -19.04 1.42
CA GLU D 90 -10.12 -20.17 1.38
C GLU D 90 -9.56 -20.47 -0.01
N LEU D 91 -10.40 -20.33 -1.03
CA LEU D 91 -9.96 -20.54 -2.38
C LEU D 91 -8.88 -19.53 -2.79
N HIS D 92 -9.15 -18.24 -2.61
CA HIS D 92 -8.20 -17.18 -3.00
C HIS D 92 -6.90 -17.19 -2.17
N CYS D 93 -6.99 -17.65 -0.92
CA CYS D 93 -5.97 -17.41 0.10
C CYS D 93 -5.32 -18.63 0.75
N ASP D 94 -5.55 -19.80 0.16
CA ASP D 94 -4.85 -21.02 0.56
C ASP D 94 -4.45 -21.72 -0.72
N LYS D 95 -5.17 -21.42 -1.80
CA LYS D 95 -5.04 -22.14 -3.08
C LYS D 95 -4.65 -21.25 -4.30
N LEU D 96 -5.19 -20.03 -4.36
CA LEU D 96 -4.84 -19.11 -5.45
C LEU D 96 -3.75 -18.10 -5.06
N HIS D 97 -3.50 -17.98 -3.76
CA HIS D 97 -2.41 -17.15 -3.23
C HIS D 97 -2.46 -15.68 -3.74
N VAL D 98 -3.61 -15.04 -3.50
CA VAL D 98 -3.82 -13.65 -3.88
C VAL D 98 -3.65 -12.78 -2.63
N ASP D 99 -3.03 -11.62 -2.81
CA ASP D 99 -2.87 -10.69 -1.72
C ASP D 99 -4.18 -9.96 -1.51
N PRO D 100 -4.63 -9.92 -0.24
CA PRO D 100 -5.86 -9.26 0.22
C PRO D 100 -5.98 -7.80 -0.19
N GLU D 101 -4.86 -7.21 -0.63
CA GLU D 101 -4.81 -5.84 -1.09
C GLU D 101 -5.65 -5.69 -2.34
N ASN D 102 -5.58 -6.69 -3.22
CA ASN D 102 -6.24 -6.55 -4.50
C ASN D 102 -7.73 -6.62 -4.28
N PHE D 103 -8.14 -7.44 -3.30
CA PHE D 103 -9.55 -7.55 -2.96
C PHE D 103 -10.10 -6.16 -2.77
N ARG D 104 -9.27 -5.30 -2.19
CA ARG D 104 -9.64 -3.93 -1.86
C ARG D 104 -9.67 -3.06 -3.16
N LEU D 105 -8.60 -3.14 -3.96
CA LEU D 105 -8.53 -2.49 -5.27
C LEU D 105 -9.74 -2.81 -6.15
N LEU D 106 -10.28 -4.01 -6.02
CA LEU D 106 -11.34 -4.46 -6.91
C LEU D 106 -12.67 -3.86 -6.53
N GLY D 107 -12.88 -3.62 -5.24
CA GLY D 107 -14.11 -3.03 -4.76
C GLY D 107 -14.15 -1.60 -5.25
N ASN D 108 -12.98 -1.00 -5.29
CA ASN D 108 -12.87 0.39 -5.67
C ASN D 108 -12.97 0.57 -7.20
N VAL D 109 -12.54 -0.44 -7.93
CA VAL D 109 -12.69 -0.45 -9.37
C VAL D 109 -14.18 -0.61 -9.71
N LEU D 110 -14.87 -1.47 -8.94
CA LEU D 110 -16.31 -1.56 -8.98
C LEU D 110 -17.06 -0.23 -8.71
N VAL D 111 -16.66 0.51 -7.67
CA VAL D 111 -17.38 1.76 -7.35
C VAL D 111 -17.31 2.76 -8.52
N ILE D 112 -16.10 2.95 -9.02
CA ILE D 112 -15.92 3.72 -10.23
C ILE D 112 -16.93 3.20 -11.27
N VAL D 113 -16.86 1.90 -11.59
CA VAL D 113 -17.72 1.38 -12.67
C VAL D 113 -19.15 1.82 -12.50
N LEU D 114 -19.60 1.92 -11.24
CA LEU D 114 -21.00 2.17 -10.93
C LEU D 114 -21.31 3.61 -11.16
N SER D 115 -20.35 4.46 -10.82
CA SER D 115 -20.42 5.87 -11.15
C SER D 115 -20.48 6.04 -12.67
N HIS D 116 -19.50 5.47 -13.37
CA HIS D 116 -19.38 5.49 -14.81
C HIS D 116 -20.73 5.16 -15.44
N HIS D 117 -21.56 4.46 -14.68
CA HIS D 117 -22.79 3.94 -15.23
C HIS D 117 -23.97 4.77 -14.83
N PHE D 118 -24.12 5.03 -13.54
CA PHE D 118 -25.34 5.66 -13.04
C PHE D 118 -25.41 7.18 -13.05
N GLY D 119 -24.26 7.83 -13.02
CA GLY D 119 -24.20 9.28 -13.14
C GLY D 119 -24.77 10.00 -11.95
N LYS D 120 -25.37 11.17 -12.17
CA LYS D 120 -25.82 11.95 -11.04
C LYS D 120 -26.45 11.04 -9.94
N GLU D 121 -27.01 9.91 -10.30
CA GLU D 121 -27.68 9.08 -9.31
C GLU D 121 -26.72 8.45 -8.31
N PHE D 122 -25.51 8.11 -8.72
CA PHE D 122 -24.52 7.65 -7.80
C PHE D 122 -24.02 8.84 -6.99
N THR D 123 -24.84 9.27 -6.04
CA THR D 123 -24.54 10.48 -5.29
C THR D 123 -23.41 10.21 -4.29
N PRO D 124 -22.74 11.30 -3.83
CA PRO D 124 -21.68 11.07 -2.85
C PRO D 124 -22.25 10.31 -1.65
N GLN D 125 -23.51 10.56 -1.31
CA GLN D 125 -24.19 9.87 -0.21
C GLN D 125 -24.35 8.38 -0.49
N VAL D 126 -24.63 8.05 -1.75
CA VAL D 126 -24.78 6.66 -2.18
C VAL D 126 -23.40 5.98 -2.25
N GLN D 127 -22.40 6.68 -2.78
CA GLN D 127 -21.06 6.15 -2.83
C GLN D 127 -20.56 5.89 -1.40
N ALA D 128 -20.68 6.92 -0.55
CA ALA D 128 -20.41 6.83 0.88
C ALA D 128 -20.81 5.44 1.34
N ALA D 129 -22.01 5.03 0.95
CA ALA D 129 -22.54 3.72 1.33
C ALA D 129 -21.69 2.54 0.79
N TYR D 130 -21.43 2.56 -0.51
CA TYR D 130 -20.80 1.44 -1.19
C TYR D 130 -19.37 1.24 -0.72
N GLN D 131 -18.65 2.34 -0.59
CA GLN D 131 -17.34 2.30 0.06
C GLN D 131 -17.42 1.59 1.40
N LYS D 132 -18.58 1.59 2.07
CA LYS D 132 -18.70 0.74 3.26
C LYS D 132 -18.99 -0.74 2.93
N VAL D 133 -19.90 -1.01 1.99
CA VAL D 133 -20.14 -2.38 1.52
C VAL D 133 -18.85 -3.04 1.00
N VAL D 134 -18.16 -2.35 0.09
CA VAL D 134 -17.00 -2.93 -0.57
C VAL D 134 -15.85 -3.16 0.39
N ALA D 135 -15.64 -2.26 1.34
CA ALA D 135 -14.68 -2.52 2.39
C ALA D 135 -14.98 -3.90 3.02
N GLY D 136 -16.23 -4.11 3.44
CA GLY D 136 -16.68 -5.37 4.01
C GLY D 136 -16.46 -6.63 3.18
N VAL D 137 -16.97 -6.66 1.96
CA VAL D 137 -16.71 -7.80 1.10
C VAL D 137 -15.21 -8.14 1.12
N ALA D 138 -14.37 -7.10 1.13
CA ALA D 138 -12.94 -7.28 1.12
C ALA D 138 -12.50 -7.89 2.45
N ASN D 139 -12.83 -7.20 3.53
CA ASN D 139 -12.56 -7.72 4.87
C ASN D 139 -13.02 -9.16 4.97
N ALA D 140 -14.19 -9.44 4.39
CA ALA D 140 -14.82 -10.74 4.48
C ALA D 140 -14.04 -11.79 3.73
N LEU D 141 -13.54 -11.41 2.56
CA LEU D 141 -12.87 -12.32 1.66
C LEU D 141 -11.44 -12.54 2.08
N ALA D 142 -11.05 -11.87 3.15
CA ALA D 142 -9.68 -11.93 3.60
C ALA D 142 -9.46 -12.67 4.92
N HIS D 143 -10.52 -13.13 5.57
CA HIS D 143 -10.41 -13.66 6.95
C HIS D 143 -9.89 -15.12 7.07
N LYS D 144 -9.42 -15.68 5.95
CA LYS D 144 -8.73 -16.98 5.99
C LYS D 144 -7.24 -16.97 6.36
N TYR D 145 -6.61 -15.79 6.35
CA TYR D 145 -5.25 -15.63 6.93
C TYR D 145 -5.25 -15.47 8.47
N HIS D 146 -6.37 -15.75 9.12
CA HIS D 146 -6.51 -15.67 10.59
C HIS D 146 -6.59 -17.09 11.26
#